data_2MXK
#
_entry.id   2MXK
#
loop_
_entity.id
_entity.type
_entity.pdbx_description
1 polymer "RNA (5'-R(*GP*CP*AP*GP*GP*CP*CP*CP*A)-3')"
2 polymer "RNA (5'-R(*UP*GP*GP*GP*AP*GP*UP*GP*CP*A)-3')"
#
loop_
_entity_poly.entity_id
_entity_poly.type
_entity_poly.pdbx_seq_one_letter_code
_entity_poly.pdbx_strand_id
1 'polyribonucleotide' GCAGGCCCA A
2 'polyribonucleotide' UGGGAGUGCA B
#